data_3TIN
#
_entry.id   3TIN
#
_cell.length_a   116.970
_cell.length_b   75.720
_cell.length_c   44.230
_cell.angle_alpha   90.00
_cell.angle_beta   90.83
_cell.angle_gamma   90.00
#
_symmetry.space_group_name_H-M   'C 1 2 1'
#
loop_
_entity.id
_entity.type
_entity.pdbx_description
1 polymer 'Ttl protein'
2 non-polymer "ADENOSINE-5'-DIPHOSPHATE"
3 non-polymer 'MAGNESIUM ION'
4 water water
#
_entity_poly.entity_id   1
_entity_poly.type   'polypeptide(L)'
_entity_poly.pdbx_seq_one_letter_code
;GSFTYTFVVRDENSTVYAEVAKILLASGQWKRLKRDNPKFNLMLGERNRLPFGRLGHEPGLVQLVNYYRGADKLCRKASL
VKLIKTSPELTETCTWFPESYVIYPTNEKTPAMRARNGLPDLANAPRTDEREEFRSSFNKKKENEEGNVWIAKSSSGAKG
EGILISSDATELLDFIDNQGQVHVIQKYLESPLLLEPGHRKFDIRSWVLVDNQYNIYLYREGVLRTSSEPYSDTNFQDMT
SHLTNHCIQKEHSKNYGRYEEGNEMFFEEFNQYLVTSLNINLENSILCQIKEIIRVCLSCLEPAISTKYLPYHSFQLFGF
DFMVDKNLKVWLIEVNGAPACAQKLYAELCKGIVDLAISSVFPLNEENHKPTEDNVFIKL
;
_entity_poly.pdbx_strand_id   A
#
loop_
_chem_comp.id
_chem_comp.type
_chem_comp.name
_chem_comp.formula
ADP non-polymer ADENOSINE-5'-DIPHOSPHATE 'C10 H15 N5 O10 P2'
MG non-polymer 'MAGNESIUM ION' 'Mg 2'
#
# COMPACT_ATOMS: atom_id res chain seq x y z
N GLY A 1 36.13 7.27 3.58
CA GLY A 1 34.97 6.72 4.37
C GLY A 1 34.68 7.54 5.62
N SER A 2 33.96 6.97 6.57
CA SER A 2 33.65 7.68 7.83
C SER A 2 32.89 9.01 7.69
N PHE A 3 31.96 9.06 6.75
CA PHE A 3 31.20 10.28 6.54
C PHE A 3 30.14 10.44 7.59
N THR A 4 29.56 11.63 7.62
CA THR A 4 28.53 11.91 8.58
C THR A 4 27.36 12.63 7.91
N TYR A 5 26.39 11.80 7.55
CA TYR A 5 25.16 12.21 6.88
C TYR A 5 24.20 12.97 7.78
N THR A 6 23.44 13.90 7.21
CA THR A 6 22.46 14.66 7.97
C THR A 6 21.06 14.18 7.64
N PHE A 7 20.08 14.69 8.38
CA PHE A 7 18.69 14.29 8.15
C PHE A 7 17.79 15.08 9.06
N VAL A 8 16.53 15.22 8.66
CA VAL A 8 15.58 15.95 9.46
C VAL A 8 14.32 15.09 9.50
N VAL A 9 13.40 15.47 10.36
CA VAL A 9 12.16 14.73 10.56
C VAL A 9 11.00 15.72 10.59
N ARG A 10 10.14 15.63 9.58
CA ARG A 10 9.00 16.52 9.53
C ARG A 10 7.70 15.77 9.81
N ASP A 11 7.84 14.53 10.28
CA ASP A 11 6.68 13.71 10.63
C ASP A 11 7.12 12.83 11.80
N GLU A 12 6.70 13.21 13.00
CA GLU A 12 7.06 12.48 14.21
C GLU A 12 5.97 11.52 14.64
N ASN A 13 4.77 11.74 14.11
CA ASN A 13 3.62 10.91 14.41
C ASN A 13 3.89 9.52 13.82
N SER A 14 4.80 9.47 12.86
CA SER A 14 5.18 8.24 12.18
C SER A 14 6.02 7.36 13.08
N THR A 15 5.47 6.21 13.42
CA THR A 15 6.14 5.26 14.28
C THR A 15 7.18 4.52 13.46
N VAL A 16 6.92 4.37 12.18
CA VAL A 16 7.83 3.65 11.31
C VAL A 16 9.10 4.44 11.00
N TYR A 17 8.97 5.76 10.89
CA TYR A 17 10.16 6.56 10.63
C TYR A 17 10.71 7.15 11.91
N ALA A 18 10.12 6.70 13.01
CA ALA A 18 10.52 7.06 14.35
C ALA A 18 11.54 5.98 14.69
N GLU A 19 11.29 4.77 14.23
CA GLU A 19 12.18 3.66 14.47
C GLU A 19 13.42 3.70 13.62
N VAL A 20 13.31 4.33 12.44
CA VAL A 20 14.46 4.41 11.54
C VAL A 20 15.39 5.52 12.03
N ALA A 21 14.81 6.65 12.42
CA ALA A 21 15.61 7.77 12.90
C ALA A 21 16.42 7.29 14.09
N LYS A 22 15.96 6.20 14.69
CA LYS A 22 16.62 5.60 15.83
C LYS A 22 17.75 4.74 15.29
N ILE A 23 17.46 3.87 14.32
CA ILE A 23 18.52 3.02 13.77
C ILE A 23 19.53 3.90 13.02
N LEU A 24 19.10 5.08 12.61
CA LEU A 24 19.97 5.98 11.88
C LEU A 24 21.10 6.46 12.77
N LEU A 25 20.73 7.02 13.92
CA LEU A 25 21.72 7.46 14.89
C LEU A 25 22.44 6.22 15.48
N ALA A 26 21.81 5.05 15.30
CA ALA A 26 22.36 3.80 15.80
C ALA A 26 23.66 3.41 15.11
N SER A 27 24.16 4.28 14.24
CA SER A 27 25.40 3.96 13.54
C SER A 27 26.33 5.16 13.65
N GLY A 28 25.86 6.12 14.43
CA GLY A 28 26.62 7.33 14.66
C GLY A 28 27.12 8.01 13.41
N GLN A 29 26.64 7.55 12.25
CA GLN A 29 27.04 8.15 10.99
C GLN A 29 26.00 9.20 10.56
N TRP A 30 24.98 9.40 11.38
CA TRP A 30 23.96 10.37 11.05
C TRP A 30 23.75 11.42 12.13
N LYS A 31 23.07 12.49 11.76
CA LYS A 31 22.82 13.59 12.66
C LYS A 31 21.56 14.33 12.27
N ARG A 32 20.57 14.31 13.15
CA ARG A 32 19.31 15.00 12.91
C ARG A 32 19.52 16.50 13.02
N LEU A 33 18.66 17.26 12.36
CA LEU A 33 18.74 18.72 12.35
C LEU A 33 17.37 19.29 12.64
N LYS A 34 17.25 20.61 12.51
CA LYS A 34 15.99 21.28 12.77
C LYS A 34 14.97 21.12 11.64
N ARG A 35 13.75 20.82 12.03
CA ARG A 35 12.62 20.65 11.13
C ARG A 35 12.73 21.49 9.87
N ASP A 36 13.22 22.71 10.01
CA ASP A 36 13.35 23.61 8.87
C ASP A 36 14.79 23.85 8.41
N ASN A 37 15.67 22.86 8.55
CA ASN A 37 17.04 23.04 8.12
C ASN A 37 17.22 22.41 6.74
N PRO A 38 17.45 23.26 5.72
CA PRO A 38 17.62 22.77 4.35
C PRO A 38 18.80 21.84 4.14
N LYS A 39 19.81 21.98 4.99
CA LYS A 39 21.04 21.21 4.88
C LYS A 39 20.97 19.72 5.18
N PHE A 40 20.04 19.02 4.54
CA PHE A 40 19.87 17.58 4.78
C PHE A 40 20.10 16.58 3.64
N ASN A 41 20.55 15.38 4.00
CA ASN A 41 20.80 14.28 3.07
C ASN A 41 19.58 13.41 2.96
N LEU A 42 18.79 13.41 4.02
CA LEU A 42 17.57 12.62 4.06
C LEU A 42 16.47 13.42 4.73
N MET A 43 15.25 13.16 4.32
CA MET A 43 14.12 13.83 4.92
C MET A 43 13.05 12.81 5.14
N LEU A 44 12.64 12.68 6.40
CA LEU A 44 11.57 11.80 6.78
C LEU A 44 10.45 12.82 6.89
N GLY A 45 9.65 12.94 5.83
CA GLY A 45 8.61 13.94 5.80
C GLY A 45 7.20 13.60 6.14
N GLU A 46 6.35 14.60 6.10
CA GLU A 46 4.94 14.46 6.42
C GLU A 46 4.12 13.55 5.50
N ARG A 47 3.07 12.97 6.05
CA ARG A 47 2.19 12.07 5.31
C ARG A 47 1.49 12.77 4.14
N ASN A 48 1.17 14.05 4.32
CA ASN A 48 0.47 14.84 3.31
C ASN A 48 1.23 16.08 2.88
N ARG A 49 0.94 16.53 1.67
CA ARG A 49 1.54 17.73 1.10
C ARG A 49 2.98 18.00 1.53
N LEU A 50 3.90 17.16 1.09
CA LEU A 50 5.31 17.32 1.42
C LEU A 50 5.92 18.29 0.40
N PRO A 51 6.67 19.29 0.89
CA PRO A 51 7.33 20.32 0.08
C PRO A 51 8.44 19.80 -0.83
N PHE A 52 8.07 19.06 -1.88
CA PHE A 52 9.06 18.51 -2.81
C PHE A 52 9.73 19.62 -3.62
N GLY A 53 9.26 20.84 -3.43
CA GLY A 53 9.79 21.98 -4.15
C GLY A 53 11.13 22.50 -3.67
N ARG A 54 11.38 22.44 -2.37
CA ARG A 54 12.65 22.90 -1.85
C ARG A 54 13.73 21.81 -1.82
N LEU A 55 13.61 20.81 -2.70
CA LEU A 55 14.60 19.73 -2.75
C LEU A 55 15.43 19.74 -4.03
N GLY A 56 16.72 19.46 -3.88
CA GLY A 56 17.62 19.43 -5.02
C GLY A 56 18.34 20.74 -5.28
N HIS A 57 17.80 21.82 -4.73
CA HIS A 57 18.37 23.14 -4.93
C HIS A 57 19.71 23.41 -4.23
N GLU A 58 19.88 22.93 -2.99
CA GLU A 58 21.14 23.16 -2.29
C GLU A 58 22.22 22.54 -3.16
N PRO A 59 23.27 23.31 -3.48
CA PRO A 59 24.39 22.85 -4.32
C PRO A 59 25.32 21.85 -3.64
N GLY A 60 25.58 20.74 -4.34
CA GLY A 60 26.48 19.73 -3.79
C GLY A 60 25.90 18.90 -2.66
N LEU A 61 24.59 18.96 -2.50
CA LEU A 61 23.91 18.23 -1.46
C LEU A 61 22.90 17.29 -2.13
N VAL A 62 23.14 16.00 -2.00
CA VAL A 62 22.25 14.97 -2.55
C VAL A 62 21.18 14.64 -1.50
N GLN A 63 19.93 14.56 -1.92
CA GLN A 63 18.83 14.31 -1.02
C GLN A 63 17.84 13.21 -1.38
N LEU A 64 17.65 12.30 -0.42
CA LEU A 64 16.75 11.17 -0.58
C LEU A 64 15.56 11.56 0.29
N VAL A 65 14.36 11.19 -0.14
CA VAL A 65 13.14 11.51 0.57
C VAL A 65 12.35 10.20 0.69
N ASN A 66 11.51 10.07 1.72
CA ASN A 66 10.81 8.79 1.91
C ASN A 66 9.45 8.67 1.28
N TYR A 67 9.23 9.44 0.22
CA TYR A 67 7.99 9.39 -0.53
C TYR A 67 8.27 9.64 -2.01
N TYR A 68 7.49 9.02 -2.87
CA TYR A 68 7.63 9.24 -4.31
C TYR A 68 6.50 10.21 -4.60
N ARG A 69 6.83 11.43 -5.03
CA ARG A 69 5.77 12.39 -5.33
C ARG A 69 4.79 11.77 -6.33
N GLY A 70 3.48 11.87 -6.05
CA GLY A 70 2.49 11.30 -6.94
C GLY A 70 2.17 9.83 -6.76
N ALA A 71 2.67 9.18 -5.71
CA ALA A 71 2.34 7.76 -5.52
C ALA A 71 0.97 7.67 -4.84
N ASP A 72 0.36 8.83 -4.68
CA ASP A 72 -0.97 8.92 -4.10
C ASP A 72 -1.88 8.46 -5.23
N LYS A 73 -1.31 8.39 -6.42
CA LYS A 73 -2.03 7.97 -7.62
C LYS A 73 -2.31 6.47 -7.59
N LEU A 74 -1.76 5.81 -6.57
CA LEU A 74 -1.93 4.38 -6.38
C LEU A 74 -2.54 4.16 -5.02
N CYS A 75 -2.46 5.18 -4.16
CA CYS A 75 -2.98 5.10 -2.80
C CYS A 75 -4.36 5.73 -2.59
N ARG A 76 -4.86 6.43 -3.60
CA ARG A 76 -6.18 7.04 -3.49
C ARG A 76 -7.17 6.04 -4.03
N LYS A 77 -8.13 5.63 -3.20
CA LYS A 77 -9.13 4.68 -3.64
C LYS A 77 -9.60 5.12 -5.01
N ALA A 78 -10.17 6.31 -5.07
CA ALA A 78 -10.64 6.87 -6.33
C ALA A 78 -9.58 6.69 -7.42
N SER A 79 -8.46 7.38 -7.26
CA SER A 79 -7.35 7.32 -8.19
C SER A 79 -6.92 5.91 -8.52
N LEU A 80 -7.12 4.98 -7.60
CA LEU A 80 -6.72 3.59 -7.86
C LEU A 80 -7.53 3.04 -9.01
N VAL A 81 -8.75 3.55 -9.16
CA VAL A 81 -9.64 3.14 -10.24
C VAL A 81 -9.17 3.75 -11.54
N LYS A 82 -9.27 5.08 -11.64
CA LYS A 82 -8.85 5.81 -12.83
C LYS A 82 -7.58 5.21 -13.41
N LEU A 83 -6.66 4.83 -12.54
CA LEU A 83 -5.39 4.26 -12.95
C LEU A 83 -5.51 2.93 -13.67
N ILE A 84 -6.32 2.02 -13.13
CA ILE A 84 -6.51 0.70 -13.74
C ILE A 84 -7.42 0.75 -14.95
N LYS A 85 -8.45 1.60 -14.88
CA LYS A 85 -9.38 1.75 -15.99
C LYS A 85 -8.64 2.33 -17.19
N THR A 86 -7.69 3.22 -16.92
CA THR A 86 -6.89 3.85 -17.96
C THR A 86 -5.94 2.82 -18.56
N SER A 87 -4.98 2.39 -17.74
CA SER A 87 -3.97 1.41 -18.15
C SER A 87 -4.46 0.29 -19.07
N PRO A 88 -4.05 0.34 -20.35
CA PRO A 88 -4.44 -0.67 -21.35
C PRO A 88 -3.88 -2.06 -21.04
N GLU A 89 -2.59 -2.11 -20.75
CA GLU A 89 -1.91 -3.38 -20.43
C GLU A 89 -2.32 -3.87 -19.04
N LEU A 90 -3.45 -3.38 -18.55
CA LEU A 90 -3.96 -3.74 -17.24
C LEU A 90 -5.47 -3.97 -17.25
N THR A 91 -6.21 -2.98 -17.73
CA THR A 91 -7.67 -3.06 -17.77
C THR A 91 -8.13 -4.40 -18.35
N GLU A 92 -7.30 -5.01 -19.20
CA GLU A 92 -7.61 -6.29 -19.81
C GLU A 92 -7.15 -7.42 -18.89
N THR A 93 -5.88 -7.38 -18.50
CA THR A 93 -5.31 -8.39 -17.63
C THR A 93 -5.71 -8.19 -16.17
N CYS A 94 -6.66 -7.28 -15.93
CA CYS A 94 -7.10 -6.99 -14.57
C CYS A 94 -8.27 -7.85 -14.10
N THR A 95 -7.97 -8.95 -13.44
CA THR A 95 -9.00 -9.85 -12.93
C THR A 95 -8.99 -9.87 -11.41
N TRP A 96 -8.04 -9.16 -10.82
CA TRP A 96 -7.92 -9.12 -9.37
C TRP A 96 -8.32 -7.79 -8.74
N PHE A 97 -9.15 -7.02 -9.45
CA PHE A 97 -9.59 -5.75 -8.89
C PHE A 97 -11.10 -5.54 -8.98
N PRO A 98 -11.78 -5.55 -7.83
CA PRO A 98 -13.23 -5.34 -7.78
C PRO A 98 -13.72 -4.21 -8.64
N GLU A 99 -14.68 -4.50 -9.51
CA GLU A 99 -15.25 -3.49 -10.36
C GLU A 99 -15.71 -2.36 -9.44
N SER A 100 -15.14 -1.17 -9.64
CA SER A 100 -15.48 -0.02 -8.82
C SER A 100 -15.79 1.20 -9.67
N TYR A 101 -16.52 2.15 -9.10
CA TYR A 101 -16.87 3.37 -9.82
C TYR A 101 -16.81 4.56 -8.86
N VAL A 102 -16.44 5.72 -9.39
CA VAL A 102 -16.40 6.92 -8.57
C VAL A 102 -17.62 7.75 -8.91
N ILE A 103 -18.46 7.99 -7.92
CA ILE A 103 -19.66 8.78 -8.13
C ILE A 103 -19.37 10.22 -7.74
N TYR A 104 -19.67 11.15 -8.65
CA TYR A 104 -19.44 12.56 -8.39
C TYR A 104 -20.63 13.11 -7.59
N PRO A 105 -20.42 13.37 -6.27
CA PRO A 105 -21.49 13.88 -5.40
C PRO A 105 -21.92 15.31 -5.71
N GLU A 130 -19.62 9.89 -13.05
CA GLU A 130 -19.86 8.48 -13.38
C GLU A 130 -21.23 8.07 -12.86
N ARG A 131 -21.27 7.10 -11.95
CA ARG A 131 -22.54 6.66 -11.37
C ARG A 131 -23.51 6.09 -12.40
N GLU A 132 -23.23 6.40 -13.67
CA GLU A 132 -24.05 5.95 -14.78
C GLU A 132 -23.72 4.50 -15.11
N GLU A 133 -22.46 4.22 -15.40
CA GLU A 133 -22.07 2.86 -15.71
C GLU A 133 -22.32 2.01 -14.47
N PHE A 134 -22.48 2.66 -13.32
CA PHE A 134 -22.75 1.94 -12.07
C PHE A 134 -24.05 1.19 -12.21
N ARG A 135 -25.15 1.95 -12.23
CA ARG A 135 -26.46 1.33 -12.37
C ARG A 135 -26.49 0.41 -13.60
N SER A 136 -25.98 0.90 -14.72
CA SER A 136 -25.95 0.10 -15.93
C SER A 136 -25.31 -1.27 -15.65
N SER A 137 -24.33 -1.30 -14.74
CA SER A 137 -23.66 -2.56 -14.39
C SER A 137 -24.35 -3.21 -13.21
N PHE A 138 -25.25 -2.45 -12.56
CA PHE A 138 -25.99 -2.95 -11.42
C PHE A 138 -27.20 -3.75 -11.91
N ASN A 139 -27.88 -3.22 -12.91
CA ASN A 139 -29.06 -3.86 -13.48
C ASN A 139 -28.70 -5.20 -14.11
N LYS A 140 -27.71 -5.19 -14.99
CA LYS A 140 -27.25 -6.39 -15.68
C LYS A 140 -27.06 -7.55 -14.72
N LYS A 141 -26.83 -7.24 -13.44
CA LYS A 141 -26.63 -8.26 -12.42
C LYS A 141 -27.95 -8.59 -11.73
N LYS A 142 -28.85 -7.61 -11.69
CA LYS A 142 -30.16 -7.81 -11.09
C LYS A 142 -31.03 -8.57 -12.07
N GLU A 143 -30.67 -8.48 -13.35
CA GLU A 143 -31.40 -9.14 -14.43
C GLU A 143 -30.79 -10.48 -14.87
N ASN A 144 -29.78 -10.95 -14.15
CA ASN A 144 -29.14 -12.22 -14.48
C ASN A 144 -29.08 -13.09 -13.24
N GLU A 145 -29.77 -12.65 -12.19
CA GLU A 145 -29.81 -13.36 -10.92
C GLU A 145 -28.41 -13.76 -10.49
N GLU A 146 -27.82 -12.95 -9.62
CA GLU A 146 -26.49 -13.19 -9.09
C GLU A 146 -26.19 -12.15 -8.05
N GLY A 147 -25.10 -12.35 -7.31
CA GLY A 147 -24.72 -11.40 -6.28
C GLY A 147 -24.77 -9.97 -6.77
N ASN A 148 -25.42 -9.11 -6.01
CA ASN A 148 -25.53 -7.70 -6.36
C ASN A 148 -25.46 -6.90 -5.07
N VAL A 149 -24.38 -7.10 -4.33
CA VAL A 149 -24.14 -6.44 -3.06
C VAL A 149 -22.88 -5.61 -3.17
N TRP A 150 -23.00 -4.29 -3.08
CA TRP A 150 -21.83 -3.42 -3.19
C TRP A 150 -21.44 -2.78 -1.86
N ILE A 151 -20.39 -1.96 -1.89
CA ILE A 151 -19.93 -1.23 -0.71
C ILE A 151 -19.43 0.15 -1.11
N ALA A 152 -19.83 1.16 -0.34
CA ALA A 152 -19.46 2.55 -0.58
C ALA A 152 -18.23 2.91 0.24
N LYS A 153 -17.21 3.45 -0.41
CA LYS A 153 -15.97 3.81 0.29
C LYS A 153 -15.49 5.27 0.03
N SER A 154 -14.96 5.90 1.08
CA SER A 154 -14.47 7.29 1.03
C SER A 154 -13.00 7.46 0.63
N SER A 155 -12.71 8.49 -0.17
CA SER A 155 -11.35 8.78 -0.64
C SER A 155 -10.28 8.73 0.43
N SER A 156 -10.16 9.81 1.18
CA SER A 156 -9.17 9.92 2.25
C SER A 156 -9.85 9.87 3.60
N GLY A 157 -11.16 10.08 3.61
CA GLY A 157 -11.93 10.06 4.84
C GLY A 157 -11.76 8.76 5.60
N GLY A 162 -16.38 6.58 6.91
CA GLY A 162 -17.73 6.10 6.68
C GLY A 162 -17.83 5.16 5.49
N ILE A 163 -18.67 4.13 5.62
CA ILE A 163 -18.88 3.12 4.57
C ILE A 163 -20.28 2.53 4.64
N LEU A 164 -20.70 1.87 3.56
CA LEU A 164 -22.02 1.25 3.50
C LEU A 164 -21.99 0.02 2.60
N ILE A 165 -22.64 -1.05 3.04
CA ILE A 165 -22.69 -2.31 2.28
C ILE A 165 -24.14 -2.62 1.91
N SER A 166 -24.60 -2.01 0.82
CA SER A 166 -25.99 -2.16 0.36
C SER A 166 -26.18 -3.00 -0.91
N SER A 167 -27.45 -3.13 -1.29
CA SER A 167 -27.84 -3.87 -2.49
C SER A 167 -28.76 -3.00 -3.36
N ASP A 168 -29.29 -1.93 -2.78
CA ASP A 168 -30.17 -1.02 -3.51
C ASP A 168 -29.34 0.15 -4.01
N ALA A 169 -29.06 0.16 -5.31
CA ALA A 169 -28.27 1.21 -5.93
C ALA A 169 -28.66 2.57 -5.38
N THR A 170 -29.91 2.96 -5.61
CA THR A 170 -30.42 4.25 -5.15
C THR A 170 -30.25 4.47 -3.65
N GLU A 171 -30.21 3.38 -2.88
CA GLU A 171 -30.04 3.48 -1.44
C GLU A 171 -28.58 3.78 -1.13
N LEU A 172 -27.78 3.88 -2.20
CA LEU A 172 -26.36 4.19 -2.08
C LEU A 172 -26.06 5.52 -2.76
N LEU A 173 -26.44 5.64 -4.03
CA LEU A 173 -26.21 6.86 -4.78
C LEU A 173 -26.84 8.07 -4.08
N ASP A 174 -27.89 7.81 -3.31
CA ASP A 174 -28.58 8.86 -2.55
C ASP A 174 -27.98 8.94 -1.16
N PHE A 175 -26.91 8.17 -0.94
CA PHE A 175 -26.21 8.13 0.35
C PHE A 175 -24.78 8.63 0.26
N ILE A 176 -24.34 8.93 -0.95
CA ILE A 176 -22.98 9.44 -1.17
C ILE A 176 -23.08 10.94 -1.38
N ASP A 177 -24.32 11.44 -1.38
CA ASP A 177 -24.57 12.87 -1.54
C ASP A 177 -24.69 13.51 -0.16
N ASN A 178 -25.04 12.70 0.83
CA ASN A 178 -25.18 13.16 2.21
C ASN A 178 -23.80 13.25 2.85
N GLN A 179 -22.82 12.68 2.16
CA GLN A 179 -21.45 12.69 2.63
C GLN A 179 -20.65 13.80 1.98
N GLY A 180 -20.91 14.01 0.69
CA GLY A 180 -20.19 15.05 -0.04
C GLY A 180 -18.69 14.89 0.12
N GLN A 181 -18.18 13.71 -0.23
CA GLN A 181 -16.75 13.41 -0.13
C GLN A 181 -16.25 12.67 -1.38
N VAL A 182 -17.15 12.42 -2.32
CA VAL A 182 -16.79 11.71 -3.54
C VAL A 182 -16.26 10.32 -3.16
N HIS A 183 -17.17 9.34 -3.11
CA HIS A 183 -16.83 7.96 -2.76
C HIS A 183 -16.74 7.03 -3.98
N VAL A 184 -16.49 5.75 -3.70
CA VAL A 184 -16.40 4.73 -4.76
C VAL A 184 -17.20 3.50 -4.37
N ILE A 185 -18.11 3.08 -5.24
CA ILE A 185 -18.90 1.89 -4.97
C ILE A 185 -18.09 0.73 -5.50
N GLN A 186 -17.91 -0.29 -4.68
CA GLN A 186 -17.14 -1.45 -5.10
C GLN A 186 -17.81 -2.78 -4.78
N LYS A 187 -17.60 -3.76 -5.65
CA LYS A 187 -18.16 -5.10 -5.48
C LYS A 187 -17.74 -5.69 -4.15
N TYR A 188 -18.72 -6.05 -3.32
CA TYR A 188 -18.43 -6.65 -2.02
C TYR A 188 -18.18 -8.15 -2.19
N LEU A 189 -17.19 -8.70 -1.46
CA LEU A 189 -16.87 -10.12 -1.53
C LEU A 189 -17.85 -10.93 -0.65
N GLU A 190 -18.86 -11.48 -1.31
CA GLU A 190 -19.91 -12.29 -0.68
C GLU A 190 -19.39 -13.65 -0.23
N SER A 191 -18.42 -14.19 -0.98
CA SER A 191 -17.84 -15.50 -0.68
C SER A 191 -16.40 -15.46 -0.19
N PRO A 192 -16.16 -14.99 1.04
CA PRO A 192 -14.80 -14.92 1.58
C PRO A 192 -14.29 -16.22 2.19
N LEU A 193 -12.98 -16.43 2.12
CA LEU A 193 -12.36 -17.63 2.67
C LEU A 193 -12.14 -17.36 4.15
N LEU A 194 -12.81 -18.10 5.03
CA LEU A 194 -12.69 -17.89 6.48
C LEU A 194 -11.61 -18.68 7.20
N LEU A 195 -11.55 -18.49 8.51
CA LEU A 195 -10.57 -19.17 9.34
C LEU A 195 -11.22 -19.93 10.49
N GLU A 196 -10.59 -21.05 10.88
CA GLU A 196 -11.08 -21.90 11.96
C GLU A 196 -10.11 -22.00 13.15
N PRO A 197 -10.65 -22.01 14.39
CA PRO A 197 -12.08 -21.95 14.72
C PRO A 197 -12.62 -20.53 14.54
N GLY A 198 -13.60 -20.17 15.36
CA GLY A 198 -14.18 -18.84 15.30
C GLY A 198 -14.90 -18.46 14.01
N HIS A 199 -14.52 -19.11 12.91
CA HIS A 199 -15.11 -18.83 11.60
C HIS A 199 -15.16 -17.31 11.42
N ARG A 200 -13.96 -16.73 11.33
CA ARG A 200 -13.76 -15.29 11.19
C ARG A 200 -13.17 -14.89 9.83
N LYS A 201 -13.38 -13.64 9.46
CA LYS A 201 -12.91 -13.07 8.19
C LYS A 201 -11.51 -12.48 8.37
N PHE A 202 -10.80 -12.24 7.25
CA PHE A 202 -9.45 -11.69 7.32
C PHE A 202 -8.96 -11.09 6.01
N ASP A 203 -7.92 -10.25 6.13
CA ASP A 203 -7.25 -9.59 4.99
C ASP A 203 -5.72 -9.58 5.27
N ILE A 204 -4.93 -9.81 4.22
CA ILE A 204 -3.47 -9.82 4.36
C ILE A 204 -2.91 -8.43 4.07
N ARG A 205 -1.90 -8.02 4.84
CA ARG A 205 -1.27 -6.71 4.65
C ARG A 205 0.21 -6.85 4.30
N SER A 206 0.53 -6.77 3.01
CA SER A 206 1.91 -6.86 2.56
C SER A 206 2.69 -5.59 2.89
N TRP A 207 3.97 -5.58 2.53
CA TRP A 207 4.85 -4.44 2.77
C TRP A 207 5.89 -4.38 1.69
N VAL A 208 5.77 -3.41 0.81
CA VAL A 208 6.69 -3.25 -0.29
C VAL A 208 7.48 -1.94 -0.24
N LEU A 209 8.77 -2.06 -0.52
CA LEU A 209 9.67 -0.92 -0.53
C LEU A 209 10.12 -0.67 -1.96
N VAL A 210 10.27 0.59 -2.33
CA VAL A 210 10.72 0.94 -3.66
C VAL A 210 11.77 2.02 -3.52
N ASP A 211 13.01 1.66 -3.77
CA ASP A 211 14.09 2.61 -3.66
C ASP A 211 14.24 3.48 -4.87
N ASN A 212 15.22 4.39 -4.80
CA ASN A 212 15.52 5.34 -5.86
C ASN A 212 15.74 4.74 -7.26
N GLN A 213 16.30 3.53 -7.33
CA GLN A 213 16.54 2.88 -8.64
C GLN A 213 15.26 2.20 -9.16
N TYR A 214 14.33 1.94 -8.25
CA TYR A 214 13.05 1.33 -8.54
C TYR A 214 13.03 -0.20 -8.46
N ASN A 215 13.64 -0.75 -7.43
CA ASN A 215 13.66 -2.20 -7.25
C ASN A 215 12.62 -2.52 -6.19
N ILE A 216 11.58 -3.25 -6.55
CA ILE A 216 10.55 -3.60 -5.58
C ILE A 216 11.05 -4.67 -4.63
N TYR A 217 10.68 -4.56 -3.35
CA TYR A 217 11.12 -5.54 -2.37
C TYR A 217 10.01 -5.87 -1.40
N LEU A 218 9.50 -7.10 -1.50
CA LEU A 218 8.44 -7.57 -0.61
C LEU A 218 9.01 -8.16 0.66
N TYR A 219 8.62 -7.58 1.78
CA TYR A 219 9.04 -8.03 3.08
C TYR A 219 8.32 -9.34 3.30
N ARG A 220 9.09 -10.41 3.46
CA ARG A 220 8.54 -11.76 3.65
C ARG A 220 7.44 -11.87 4.69
N GLU A 221 7.46 -11.00 5.69
CA GLU A 221 6.45 -11.04 6.73
C GLU A 221 5.22 -10.20 6.41
N GLY A 222 4.09 -10.87 6.34
CA GLY A 222 2.82 -10.21 6.08
C GLY A 222 2.04 -10.33 7.38
N VAL A 223 0.80 -9.84 7.41
CA VAL A 223 0.04 -9.94 8.64
C VAL A 223 -1.46 -9.99 8.38
N LEU A 224 -2.14 -10.90 9.06
CA LEU A 224 -3.57 -11.04 8.90
C LEU A 224 -4.30 -10.32 10.00
N ARG A 225 -5.32 -9.59 9.61
CA ARG A 225 -6.13 -8.86 10.56
C ARG A 225 -7.48 -9.56 10.50
N THR A 226 -7.98 -10.02 11.64
CA THR A 226 -9.25 -10.74 11.65
C THR A 226 -10.23 -10.12 12.67
N SER A 227 -11.35 -10.80 12.88
CA SER A 227 -12.39 -10.32 13.80
C SER A 227 -13.05 -11.46 14.56
N SER A 228 -14.29 -11.21 15.01
CA SER A 228 -15.07 -12.21 15.75
C SER A 228 -15.81 -13.13 14.77
N GLU A 229 -16.78 -12.56 14.06
CA GLU A 229 -17.57 -13.27 13.06
C GLU A 229 -18.15 -14.60 13.53
N GLY A 262 -10.25 -7.87 16.62
CA GLY A 262 -9.78 -9.20 16.25
C GLY A 262 -8.30 -9.42 16.45
N ASN A 263 -7.87 -10.68 16.38
CA ASN A 263 -6.47 -11.07 16.54
C ASN A 263 -5.58 -10.45 15.46
N GLU A 264 -4.47 -11.14 15.16
CA GLU A 264 -3.52 -10.68 14.16
C GLU A 264 -2.67 -11.89 13.77
N MET A 265 -3.04 -12.57 12.69
CA MET A 265 -2.33 -13.75 12.21
C MET A 265 -1.06 -13.44 11.43
N PHE A 266 -0.04 -14.28 11.60
CA PHE A 266 1.24 -14.11 10.92
C PHE A 266 1.44 -15.22 9.91
N PHE A 267 2.21 -14.95 8.87
CA PHE A 267 2.47 -15.91 7.80
C PHE A 267 2.85 -17.32 8.22
N GLU A 268 3.46 -17.46 9.40
CA GLU A 268 3.88 -18.78 9.90
C GLU A 268 2.67 -19.61 10.34
N GLU A 269 1.96 -19.08 11.34
CA GLU A 269 0.78 -19.74 11.87
C GLU A 269 -0.32 -19.84 10.81
N PHE A 270 -0.33 -18.90 9.87
CA PHE A 270 -1.33 -18.87 8.82
C PHE A 270 -1.11 -20.00 7.81
N ASN A 271 0.15 -20.19 7.42
CA ASN A 271 0.49 -21.26 6.49
C ASN A 271 0.11 -22.60 7.11
N GLN A 272 -0.01 -22.59 8.44
CA GLN A 272 -0.40 -23.79 9.19
C GLN A 272 -1.79 -24.20 8.73
N TYR A 273 -2.74 -23.26 8.85
CA TYR A 273 -4.14 -23.46 8.46
C TYR A 273 -4.29 -23.90 7.00
N LEU A 274 -3.39 -23.43 6.15
CA LEU A 274 -3.45 -23.75 4.73
C LEU A 274 -3.02 -25.16 4.37
N VAL A 275 -2.75 -25.98 5.37
CA VAL A 275 -2.34 -27.35 5.09
C VAL A 275 -3.00 -28.36 6.03
N THR A 276 -2.75 -28.19 7.33
CA THR A 276 -3.31 -29.06 8.36
C THR A 276 -4.72 -28.62 8.71
N SER A 277 -5.55 -28.50 7.66
CA SER A 277 -6.94 -28.09 7.76
C SER A 277 -7.40 -27.84 6.34
N LEU A 278 -6.43 -27.55 5.48
CA LEU A 278 -6.72 -27.26 4.08
C LEU A 278 -5.80 -28.07 3.15
N ASN A 279 -6.10 -28.01 1.86
CA ASN A 279 -5.32 -28.74 0.85
C ASN A 279 -4.47 -27.87 -0.07
N ILE A 280 -3.45 -27.20 0.49
CA ILE A 280 -2.58 -26.32 -0.31
C ILE A 280 -1.45 -25.71 0.51
N ASN A 281 -0.77 -24.71 -0.05
CA ASN A 281 0.35 -24.04 0.63
C ASN A 281 0.37 -22.50 0.47
N LEU A 282 1.02 -21.84 1.43
CA LEU A 282 1.13 -20.38 1.50
C LEU A 282 1.66 -19.64 0.28
N GLU A 283 2.55 -20.28 -0.48
CA GLU A 283 3.13 -19.65 -1.66
C GLU A 283 2.66 -20.30 -2.96
N ASN A 284 2.13 -21.51 -2.84
CA ASN A 284 1.65 -22.25 -4.01
C ASN A 284 0.28 -21.76 -4.43
N SER A 285 -0.13 -20.60 -3.92
CA SER A 285 -1.43 -20.08 -4.26
C SER A 285 -1.58 -18.59 -3.99
N ILE A 286 -1.33 -18.21 -2.75
CA ILE A 286 -1.44 -16.82 -2.35
C ILE A 286 -0.23 -16.02 -2.80
N LEU A 287 0.91 -16.18 -2.11
CA LEU A 287 2.12 -15.46 -2.45
C LEU A 287 2.40 -15.36 -3.94
N CYS A 288 2.07 -16.38 -4.70
CA CYS A 288 2.31 -16.32 -6.15
C CYS A 288 1.56 -15.14 -6.76
N GLN A 289 0.28 -15.04 -6.41
CA GLN A 289 -0.58 -14.00 -6.93
C GLN A 289 -0.29 -12.60 -6.38
N ILE A 290 0.00 -12.52 -5.09
CA ILE A 290 0.31 -11.23 -4.47
C ILE A 290 1.50 -10.63 -5.20
N LYS A 291 2.55 -11.44 -5.33
CA LYS A 291 3.78 -11.05 -5.98
C LYS A 291 3.56 -10.63 -7.43
N GLU A 292 2.32 -10.58 -7.87
CA GLU A 292 1.99 -10.17 -9.23
C GLU A 292 1.27 -8.81 -9.21
N ILE A 293 0.12 -8.75 -8.54
CA ILE A 293 -0.66 -7.50 -8.42
C ILE A 293 0.33 -6.39 -8.11
N ILE A 294 1.10 -6.61 -7.05
CA ILE A 294 2.13 -5.67 -6.61
C ILE A 294 3.02 -5.24 -7.78
N ARG A 295 3.73 -6.20 -8.34
CA ARG A 295 4.62 -5.99 -9.46
C ARG A 295 3.93 -5.20 -10.59
N VAL A 296 2.66 -5.45 -10.79
CA VAL A 296 1.92 -4.79 -11.86
C VAL A 296 1.51 -3.35 -11.57
N CYS A 297 0.99 -3.10 -10.38
CA CYS A 297 0.55 -1.73 -10.02
C CYS A 297 1.74 -0.77 -10.00
N LEU A 298 2.89 -1.27 -9.59
CA LEU A 298 4.07 -0.45 -9.49
C LEU A 298 4.68 -0.21 -10.85
N SER A 299 4.73 -1.26 -11.69
CA SER A 299 5.28 -1.15 -13.05
C SER A 299 4.42 -0.26 -13.94
N CYS A 300 3.17 -0.10 -13.53
CA CYS A 300 2.22 0.73 -14.25
C CYS A 300 2.33 2.16 -13.73
N LEU A 301 3.04 2.32 -12.62
CA LEU A 301 3.21 3.64 -12.02
C LEU A 301 4.57 4.24 -12.36
N GLU A 302 5.57 3.37 -12.50
CA GLU A 302 6.93 3.77 -12.80
C GLU A 302 7.07 5.00 -13.68
N PRO A 303 6.26 5.10 -14.74
CA PRO A 303 6.33 6.25 -15.65
C PRO A 303 5.95 7.61 -15.03
N ALA A 304 4.90 7.64 -14.23
CA ALA A 304 4.52 8.91 -13.63
C ALA A 304 5.19 9.23 -12.29
N ILE A 305 6.15 8.42 -11.82
CA ILE A 305 6.80 8.75 -10.55
C ILE A 305 8.33 8.68 -10.61
N SER A 306 8.85 8.14 -11.70
CA SER A 306 10.30 8.02 -11.89
C SER A 306 10.96 9.35 -11.57
N THR A 307 11.96 9.33 -10.70
CA THR A 307 12.70 10.55 -10.32
C THR A 307 13.98 10.55 -11.11
N LYS A 308 13.93 9.82 -12.22
CA LYS A 308 15.06 9.66 -13.10
C LYS A 308 15.61 11.01 -13.57
N TYR A 309 14.78 12.05 -13.58
CA TYR A 309 15.23 13.36 -14.04
C TYR A 309 15.15 14.50 -13.02
N LEU A 310 14.47 14.29 -11.89
CA LEU A 310 14.37 15.34 -10.88
C LEU A 310 15.74 15.57 -10.20
N PRO A 311 15.90 16.66 -9.44
CA PRO A 311 17.19 16.92 -8.79
C PRO A 311 17.31 16.32 -7.38
N TYR A 312 16.74 15.14 -7.19
CA TYR A 312 16.76 14.47 -5.88
C TYR A 312 16.29 13.03 -6.01
N HIS A 313 16.42 12.25 -4.93
CA HIS A 313 16.01 10.84 -4.91
C HIS A 313 14.87 10.64 -3.96
N SER A 314 14.18 9.52 -4.11
CA SER A 314 13.08 9.17 -3.24
C SER A 314 12.80 7.65 -3.23
N PHE A 315 12.32 7.14 -2.10
CA PHE A 315 11.94 5.74 -1.96
C PHE A 315 10.63 5.81 -1.20
N GLN A 316 9.99 4.68 -0.97
CA GLN A 316 8.73 4.67 -0.25
C GLN A 316 8.36 3.24 0.14
N LEU A 317 7.58 3.12 1.22
CA LEU A 317 7.12 1.84 1.74
C LEU A 317 5.63 1.84 1.51
N PHE A 318 5.14 0.82 0.87
CA PHE A 318 3.71 0.72 0.55
C PHE A 318 3.14 -0.42 1.35
N GLY A 319 1.84 -0.35 1.60
CA GLY A 319 1.20 -1.39 2.36
C GLY A 319 0.02 -1.91 1.58
N PHE A 320 0.21 -3.07 0.97
CA PHE A 320 -0.86 -3.67 0.19
C PHE A 320 -1.82 -4.41 1.12
N ASP A 321 -3.11 -4.35 0.79
CA ASP A 321 -4.19 -5.01 1.57
C ASP A 321 -5.06 -5.92 0.68
N PHE A 322 -4.93 -7.23 0.84
CA PHE A 322 -5.71 -8.18 0.03
C PHE A 322 -6.79 -9.01 0.74
N MET A 323 -7.60 -9.69 -0.08
CA MET A 323 -8.65 -10.60 0.37
C MET A 323 -8.70 -11.85 -0.50
N VAL A 324 -8.98 -12.99 0.14
CA VAL A 324 -9.07 -14.29 -0.53
C VAL A 324 -10.48 -14.86 -0.36
N ASP A 325 -11.01 -15.50 -1.40
CA ASP A 325 -12.35 -16.11 -1.32
C ASP A 325 -12.29 -17.63 -1.16
N LYS A 326 -13.45 -18.28 -1.15
CA LYS A 326 -13.52 -19.75 -1.01
C LYS A 326 -12.93 -20.43 -2.24
N ASN A 327 -13.08 -19.76 -3.38
CA ASN A 327 -12.55 -20.22 -4.66
C ASN A 327 -11.03 -20.08 -4.60
N LEU A 328 -10.54 -19.63 -3.45
CA LEU A 328 -9.10 -19.47 -3.21
C LEU A 328 -8.43 -18.29 -3.94
N LYS A 329 -9.25 -17.43 -4.53
CA LYS A 329 -8.78 -16.26 -5.29
C LYS A 329 -8.30 -15.10 -4.41
N VAL A 330 -7.36 -14.31 -4.93
CA VAL A 330 -6.81 -13.16 -4.23
C VAL A 330 -7.23 -11.85 -4.89
N TRP A 331 -7.76 -10.93 -4.09
CA TRP A 331 -8.18 -9.64 -4.59
C TRP A 331 -7.43 -8.52 -3.88
N LEU A 332 -7.33 -7.37 -4.53
CA LEU A 332 -6.66 -6.24 -3.92
C LEU A 332 -7.72 -5.33 -3.36
N ILE A 333 -7.46 -4.78 -2.17
CA ILE A 333 -8.38 -3.87 -1.49
C ILE A 333 -7.89 -2.44 -1.62
N GLU A 334 -6.79 -2.15 -0.92
CA GLU A 334 -6.18 -0.83 -0.93
C GLU A 334 -4.66 -0.91 -0.83
N VAL A 335 -4.01 0.22 -1.10
CA VAL A 335 -2.56 0.37 -1.04
C VAL A 335 -2.37 1.56 -0.08
N ASN A 336 -1.44 1.44 0.87
CA ASN A 336 -1.17 2.50 1.83
C ASN A 336 0.17 3.18 1.55
N GLY A 337 0.17 4.52 1.57
CA GLY A 337 1.37 5.29 1.28
C GLY A 337 2.28 5.57 2.46
N ALA A 338 1.67 5.60 3.64
CA ALA A 338 2.37 5.80 4.91
C ALA A 338 1.74 4.75 5.83
N PRO A 339 1.96 3.47 5.52
CA PRO A 339 1.41 2.40 6.33
C PRO A 339 2.29 2.20 7.54
N ALA A 340 1.72 1.71 8.63
CA ALA A 340 2.54 1.45 9.80
C ALA A 340 2.72 -0.07 9.79
N CYS A 341 3.11 -0.65 10.91
CA CYS A 341 3.31 -2.10 10.94
C CYS A 341 2.82 -2.78 12.21
N ALA A 342 3.49 -3.86 12.57
CA ALA A 342 3.20 -4.63 13.75
C ALA A 342 4.42 -4.45 14.65
N GLN A 343 4.20 -4.36 15.95
CA GLN A 343 5.26 -4.16 16.95
C GLN A 343 6.36 -5.25 16.94
N LYS A 344 6.04 -6.43 16.43
CA LYS A 344 7.01 -7.51 16.38
C LYS A 344 7.81 -7.46 15.08
N LEU A 345 7.65 -6.38 14.31
CA LEU A 345 8.35 -6.26 13.04
C LEU A 345 9.09 -4.93 12.87
N TYR A 346 8.54 -3.85 13.43
CA TYR A 346 9.16 -2.53 13.37
C TYR A 346 10.68 -2.57 13.42
N ALA A 347 11.23 -3.64 13.98
CA ALA A 347 12.68 -3.77 14.09
C ALA A 347 13.31 -4.38 12.82
N GLU A 348 12.93 -5.61 12.48
CA GLU A 348 13.48 -6.29 11.31
C GLU A 348 13.19 -5.55 10.02
N LEU A 349 12.08 -4.82 10.02
CA LEU A 349 11.66 -4.04 8.86
C LEU A 349 12.49 -2.77 8.72
N CYS A 350 12.22 -1.79 9.57
CA CYS A 350 12.93 -0.52 9.57
C CYS A 350 14.43 -0.66 9.29
N LYS A 351 14.99 -1.84 9.54
CA LYS A 351 16.41 -2.07 9.30
C LYS A 351 16.63 -2.28 7.82
N GLY A 352 15.59 -2.74 7.12
CA GLY A 352 15.67 -2.95 5.67
C GLY A 352 15.55 -1.60 4.98
N ILE A 353 14.55 -0.83 5.37
CA ILE A 353 14.37 0.49 4.82
C ILE A 353 15.69 1.30 4.92
N VAL A 354 16.65 0.84 5.72
CA VAL A 354 17.93 1.54 5.82
C VAL A 354 19.03 0.75 5.10
N ASP A 355 18.88 -0.56 5.05
CA ASP A 355 19.88 -1.41 4.40
C ASP A 355 19.75 -1.32 2.88
N LEU A 356 18.51 -1.44 2.42
CA LEU A 356 18.16 -1.46 1.02
C LEU A 356 17.81 -0.13 0.39
N ALA A 357 17.04 0.66 1.13
CA ALA A 357 16.57 1.95 0.66
C ALA A 357 17.46 3.15 0.96
N ILE A 358 17.97 3.24 2.18
CA ILE A 358 18.82 4.36 2.56
C ILE A 358 20.34 4.22 2.32
N SER A 359 20.97 3.24 2.95
CA SER A 359 22.42 3.09 2.76
C SER A 359 22.83 2.78 1.32
N SER A 360 21.84 2.48 0.48
CA SER A 360 22.12 2.18 -0.92
C SER A 360 22.57 3.46 -1.64
N VAL A 361 22.12 4.60 -1.14
CA VAL A 361 22.46 5.92 -1.70
C VAL A 361 23.63 6.49 -0.87
N PHE A 362 23.52 6.37 0.47
CA PHE A 362 24.57 6.84 1.40
C PHE A 362 25.28 5.68 2.08
N PRO A 363 26.41 5.24 1.53
CA PRO A 363 27.22 4.13 2.06
C PRO A 363 27.59 4.25 3.55
N LEU A 364 28.18 3.18 4.08
CA LEU A 364 28.62 3.13 5.47
C LEU A 364 29.86 2.25 5.61
N ASN A 365 30.56 2.37 6.73
CA ASN A 365 31.77 1.57 6.96
C ASN A 365 31.45 0.12 7.31
N GLU A 366 32.01 -0.81 6.54
CA GLU A 366 31.79 -2.23 6.76
C GLU A 366 32.92 -3.03 6.12
N ASN A 375 17.27 -12.43 2.21
CA ASN A 375 16.32 -13.43 2.70
C ASN A 375 15.02 -12.82 3.23
N VAL A 376 15.03 -11.54 3.59
CA VAL A 376 13.82 -10.88 4.08
C VAL A 376 13.08 -10.13 2.98
N PHE A 377 13.71 -10.02 1.82
CA PHE A 377 13.10 -9.29 0.72
C PHE A 377 13.19 -10.01 -0.64
N ILE A 378 12.10 -9.95 -1.38
CA ILE A 378 12.02 -10.57 -2.69
C ILE A 378 12.02 -9.46 -3.73
N LYS A 379 12.86 -9.55 -4.74
CA LYS A 379 12.87 -8.51 -5.77
C LYS A 379 12.04 -8.95 -6.98
N LEU A 380 10.93 -8.26 -7.22
CA LEU A 380 10.08 -8.56 -8.35
C LEU A 380 10.65 -7.85 -9.57
PB ADP B . -10.90 2.25 6.57
O1B ADP B . -10.37 2.40 5.20
O2B ADP B . -11.76 3.56 6.97
O3B ADP B . -9.69 2.09 7.62
PA ADP B . -11.01 -0.38 6.26
O1A ADP B . -10.50 -0.26 4.86
O2A ADP B . -9.78 -0.56 7.28
O3A ADP B . -11.86 0.95 6.65
O5' ADP B . -12.00 -1.65 6.36
C5' ADP B . -11.24 -2.82 6.04
C4' ADP B . -12.15 -4.06 6.14
O4' ADP B . -13.25 -3.94 5.18
C3' ADP B . -11.36 -5.34 5.81
O3' ADP B . -11.17 -6.14 6.98
C2' ADP B . -12.17 -6.08 4.73
O2' ADP B . -12.54 -7.40 5.17
C1' ADP B . -13.40 -5.19 4.45
N9 ADP B . -13.51 -4.91 2.99
C8 ADP B . -12.95 -3.86 2.32
N7 ADP B . -13.23 -3.94 1.06
C5 ADP B . -13.96 -5.04 0.82
C6 ADP B . -14.55 -5.63 -0.32
N6 ADP B . -14.41 -5.06 -1.57
N1 ADP B . -15.25 -6.78 -0.18
C2 ADP B . -15.39 -7.36 1.02
N3 ADP B . -14.86 -6.83 2.12
C4 ADP B . -14.16 -5.69 2.07
MG MG C . 7.97 5.92 3.01
MG MG D . 9.55 11.85 -5.55
MG MG E . 22.64 5.37 -6.14
#